data_7D0R
#
_entry.id   7D0R
#
_cell.length_a   127.345
_cell.length_b   39.636
_cell.length_c   88.096
_cell.angle_alpha   90.000
_cell.angle_beta   123.240
_cell.angle_gamma   90.000
#
_symmetry.space_group_name_H-M   'C 1 2 1'
#
loop_
_entity.id
_entity.type
_entity.pdbx_description
1 polymer 'Histone acetyltransferase KAT7'
2 polymer 'BRD1 protein'
3 non-polymer 1,2-ETHANEDIOL
4 non-polymer 'ZINC ION'
5 non-polymer 'CROTONYL COENZYME A'
6 water water
#
loop_
_entity_poly.entity_id
_entity_poly.type
_entity_poly.pdbx_seq_one_letter_code
_entity_poly.pdbx_strand_id
1 'polypeptide(L)'
;MIKTIAFGRYELDTWYHSPYPEEYARLGRLYMCEFCLKYMKSQTILRRHMAKCVWKHPPGDEIYRKGSISVFEVDGKKNK
IYCQNLCLLAKLFLDH(ALY)TLYYDVEPFLFYVMTEADNTGCHLIGYFSKEKNSFLNYNVSCILTMPQYMRQGYGKMLI
DFSYLLSKVEEKVGSPERPLSDLGLISYRSYWKEVLLRYLHNFQGKEISIKEISQETAVNPVDIVSTLQALQMLKYWKGK
HLVLKRQDLIDEWIAKEAKRSNSNKTMDPSCLKWTPPKGT
;
A
2 'polypeptide(L)' LTYAQAQGMVEIEIEGRLHRISIFDPLEIILEDDLTAQEMSECNSNKENS B
#
# COMPACT_ATOMS: atom_id res chain seq x y z
N MET A 1 -21.29 10.23 20.16
CA MET A 1 -20.56 9.68 18.98
C MET A 1 -19.05 9.87 19.16
N ILE A 2 -18.27 8.95 18.61
CA ILE A 2 -16.82 8.97 18.78
C ILE A 2 -16.18 10.08 17.97
N LYS A 3 -15.47 10.94 18.70
CA LYS A 3 -14.75 12.06 18.11
C LYS A 3 -13.26 11.85 18.18
N THR A 4 -12.76 11.30 19.29
CA THR A 4 -11.34 11.02 19.44
C THR A 4 -11.09 9.58 19.88
N ILE A 5 -9.85 9.15 19.68
CA ILE A 5 -9.39 7.82 20.08
C ILE A 5 -8.09 8.03 20.86
N ALA A 6 -7.95 7.31 21.97
CA ALA A 6 -6.68 7.25 22.70
C ALA A 6 -5.96 5.98 22.26
N PHE A 7 -4.79 6.16 21.65
CA PHE A 7 -4.04 5.06 21.04
C PHE A 7 -2.56 5.23 21.40
N GLY A 8 -2.11 4.46 22.39
CA GLY A 8 -0.75 4.60 22.92
C GLY A 8 -0.55 5.98 23.51
N ARG A 9 0.53 6.65 23.12
CA ARG A 9 0.78 8.04 23.54
C ARG A 9 0.03 9.10 22.72
N TYR A 10 -0.68 8.68 21.67
CA TYR A 10 -1.40 9.62 20.79
C TYR A 10 -2.88 9.74 21.16
N GLU A 11 -3.43 10.93 20.90
CA GLU A 11 -4.87 11.16 20.88
C GLU A 11 -5.25 11.56 19.45
N LEU A 12 -6.03 10.71 18.78
CA LEU A 12 -6.34 10.86 17.36
C LEU A 12 -7.79 11.26 17.14
N ASP A 13 -8.00 12.34 16.40
CA ASP A 13 -9.34 12.72 15.95
C ASP A 13 -9.81 11.74 14.89
N THR A 14 -11.05 11.25 15.04
CA THR A 14 -11.64 10.32 14.08
C THR A 14 -12.33 11.10 12.96
N TRP A 15 -12.28 10.54 11.75
CA TRP A 15 -12.79 11.22 10.55
C TRP A 15 -14.17 10.76 10.11
N TYR A 16 -14.41 9.44 10.18
CA TYR A 16 -15.69 8.84 9.76
C TYR A 16 -16.24 7.95 10.85
N HIS A 17 -17.51 7.60 10.72
N HIS A 17 -17.50 7.57 10.69
CA HIS A 17 -18.17 6.73 11.69
CA HIS A 17 -18.20 6.70 11.64
C HIS A 17 -17.77 5.26 11.46
C HIS A 17 -17.72 5.27 11.45
N SER A 18 -17.56 4.55 12.55
CA SER A 18 -17.22 3.12 12.53
C SER A 18 -18.24 2.43 13.42
N PRO A 19 -18.78 1.28 13.00
CA PRO A 19 -19.89 0.64 13.72
C PRO A 19 -19.44 -0.15 14.97
N TYR A 20 -18.84 0.56 15.92
CA TYR A 20 -18.59 0.01 17.26
C TYR A 20 -19.95 -0.14 17.95
N PRO A 21 -20.07 -1.11 18.89
CA PRO A 21 -21.34 -1.24 19.62
C PRO A 21 -21.78 0.06 20.28
N GLU A 22 -23.09 0.31 20.30
CA GLU A 22 -23.65 1.60 20.75
C GLU A 22 -23.25 1.97 22.19
N GLU A 23 -23.03 0.95 23.02
CA GLU A 23 -22.45 1.09 24.36
C GLU A 23 -21.10 1.84 24.35
N TYR A 24 -20.30 1.58 23.32
CA TYR A 24 -19.03 2.29 23.08
C TYR A 24 -19.18 3.51 22.15
N ALA A 25 -20.01 3.39 21.12
CA ALA A 25 -20.20 4.44 20.12
C ALA A 25 -20.79 5.75 20.68
N ARG A 26 -21.66 5.65 21.68
CA ARG A 26 -22.28 6.84 22.30
C ARG A 26 -21.30 7.71 23.11
N LEU A 27 -20.17 7.13 23.51
CA LEU A 27 -19.12 7.87 24.20
C LEU A 27 -18.32 8.74 23.24
N GLY A 28 -17.76 9.83 23.78
CA GLY A 28 -16.97 10.78 23.00
C GLY A 28 -15.58 10.28 22.65
N ARG A 29 -14.96 9.56 23.59
CA ARG A 29 -13.60 9.04 23.45
C ARG A 29 -13.56 7.54 23.68
N LEU A 30 -12.79 6.84 22.84
CA LEU A 30 -12.50 5.41 23.01
C LEU A 30 -11.02 5.21 23.31
N TYR A 31 -10.74 4.33 24.28
CA TYR A 31 -9.38 3.96 24.67
C TYR A 31 -9.10 2.58 24.12
N MET A 32 -8.01 2.45 23.37
CA MET A 32 -7.66 1.15 22.78
C MET A 32 -6.28 0.69 23.17
N CYS A 33 -6.16 -0.62 23.35
CA CYS A 33 -4.87 -1.24 23.54
C CYS A 33 -4.12 -1.15 22.21
N GLU A 34 -2.94 -0.54 22.26
CA GLU A 34 -2.15 -0.33 21.05
C GLU A 34 -1.54 -1.62 20.46
N PHE A 35 -1.55 -2.71 21.23
CA PHE A 35 -1.02 -3.99 20.78
C PHE A 35 -2.07 -5.01 20.35
N CYS A 36 -3.13 -5.20 21.12
CA CYS A 36 -4.21 -6.14 20.78
C CYS A 36 -5.44 -5.48 20.13
N LEU A 37 -5.51 -4.15 20.19
CA LEU A 37 -6.58 -3.36 19.54
C LEU A 37 -7.98 -3.51 20.15
N LYS A 38 -8.07 -4.08 21.35
CA LYS A 38 -9.34 -4.10 22.07
C LYS A 38 -9.68 -2.67 22.47
N TYR A 39 -10.97 -2.35 22.43
CA TYR A 39 -11.45 -0.99 22.68
C TYR A 39 -12.15 -0.96 24.04
N MET A 40 -11.95 0.14 24.76
CA MET A 40 -12.38 0.28 26.16
C MET A 40 -12.93 1.67 26.42
N LYS A 41 -13.68 1.80 27.51
CA LYS A 41 -14.46 3.00 27.81
C LYS A 41 -13.71 4.11 28.55
N SER A 42 -12.65 3.78 29.27
CA SER A 42 -11.95 4.76 30.10
C SER A 42 -10.44 4.55 30.18
N GLN A 43 -9.76 5.60 30.64
CA GLN A 43 -8.33 5.58 30.90
C GLN A 43 -7.98 4.58 32.02
N THR A 44 -8.86 4.49 33.01
CA THR A 44 -8.70 3.56 34.13
C THR A 44 -8.78 2.09 33.68
N ILE A 45 -9.80 1.78 32.87
CA ILE A 45 -9.98 0.43 32.31
C ILE A 45 -8.80 0.07 31.39
N LEU A 46 -8.28 1.03 30.63
CA LEU A 46 -7.12 0.82 29.78
C LEU A 46 -5.87 0.46 30.60
N ARG A 47 -5.60 1.25 31.63
CA ARG A 47 -4.43 1.02 32.51
C ARG A 47 -4.42 -0.39 33.11
N ARG A 48 -5.59 -0.82 33.57
CA ARG A 48 -5.77 -2.16 34.14
C ARG A 48 -5.54 -3.24 33.08
N HIS A 49 -6.06 -3.00 31.86
CA HIS A 49 -5.84 -3.88 30.72
C HIS A 49 -4.36 -4.00 30.32
N MET A 50 -3.66 -2.87 30.25
CA MET A 50 -2.24 -2.86 29.88
C MET A 50 -1.35 -3.62 30.87
N ALA A 51 -1.73 -3.64 32.15
CA ALA A 51 -1.04 -4.43 33.17
C ALA A 51 -1.16 -5.95 32.95
N LYS A 52 -2.26 -6.38 32.33
CA LYS A 52 -2.57 -7.79 32.09
C LYS A 52 -2.28 -8.28 30.67
N CYS A 53 -2.41 -7.41 29.67
CA CYS A 53 -2.29 -7.80 28.26
C CYS A 53 -0.88 -8.29 27.91
N VAL A 54 -0.79 -9.52 27.38
CA VAL A 54 0.50 -10.14 27.05
C VAL A 54 1.07 -9.72 25.68
N TRP A 55 0.25 -9.09 24.83
CA TRP A 55 0.66 -8.73 23.47
C TRP A 55 1.55 -7.47 23.43
N LYS A 56 2.73 -7.61 22.81
CA LYS A 56 3.66 -6.49 22.56
C LYS A 56 3.89 -6.26 21.06
N HIS A 57 3.04 -6.88 20.24
CA HIS A 57 3.15 -6.83 18.78
C HIS A 57 1.89 -7.47 18.19
N PRO A 58 1.68 -7.36 16.86
CA PRO A 58 0.53 -8.06 16.27
C PRO A 58 0.67 -9.58 16.36
N PRO A 59 -0.44 -10.32 16.20
CA PRO A 59 -0.34 -11.77 16.10
C PRO A 59 0.21 -12.20 14.74
N GLY A 60 0.21 -13.50 14.47
CA GLY A 60 0.68 -14.03 13.18
C GLY A 60 2.19 -14.04 13.05
N ASP A 61 2.68 -14.18 11.83
CA ASP A 61 4.10 -14.38 11.55
C ASP A 61 4.78 -13.07 11.12
N GLU A 62 5.93 -12.76 11.75
CA GLU A 62 6.76 -11.64 11.31
C GLU A 62 7.51 -12.06 10.03
N ILE A 63 7.05 -11.55 8.89
CA ILE A 63 7.59 -11.93 7.58
C ILE A 63 8.62 -10.95 7.02
N TYR A 64 8.61 -9.72 7.52
CA TYR A 64 9.62 -8.72 7.16
C TYR A 64 10.18 -8.14 8.44
N ARG A 65 11.50 -8.01 8.49
CA ARG A 65 12.16 -7.33 9.61
C ARG A 65 13.44 -6.66 9.11
N LYS A 66 13.47 -5.32 9.19
CA LYS A 66 14.71 -4.56 9.02
C LYS A 66 14.83 -3.63 10.21
N GLY A 67 15.66 -4.03 11.17
CA GLY A 67 15.82 -3.31 12.42
C GLY A 67 14.47 -3.13 13.11
N SER A 68 14.09 -1.88 13.32
CA SER A 68 12.88 -1.52 14.05
C SER A 68 11.58 -1.61 13.22
N ILE A 69 11.71 -1.83 11.90
CA ILE A 69 10.54 -1.92 11.01
C ILE A 69 10.21 -3.38 10.74
N SER A 70 8.97 -3.76 11.03
CA SER A 70 8.48 -5.11 10.78
C SER A 70 7.18 -5.10 10.01
N VAL A 71 6.88 -6.22 9.35
CA VAL A 71 5.56 -6.49 8.80
C VAL A 71 5.14 -7.86 9.30
N PHE A 72 3.94 -7.94 9.88
CA PHE A 72 3.35 -9.17 10.36
C PHE A 72 2.24 -9.62 9.43
N GLU A 73 2.24 -10.90 9.08
CA GLU A 73 1.16 -11.50 8.30
C GLU A 73 0.14 -12.11 9.25
N VAL A 74 -1.06 -11.52 9.29
CA VAL A 74 -2.13 -11.97 10.19
C VAL A 74 -3.27 -12.58 9.38
N ASP A 75 -3.58 -13.85 9.66
CA ASP A 75 -4.65 -14.58 9.00
C ASP A 75 -5.97 -14.25 9.70
N GLY A 76 -6.94 -13.75 8.93
CA GLY A 76 -8.25 -13.38 9.46
C GLY A 76 -9.07 -14.52 10.07
N LYS A 77 -8.81 -15.75 9.64
CA LYS A 77 -9.43 -16.93 10.27
C LYS A 77 -8.74 -17.32 11.59
N LYS A 78 -7.41 -17.28 11.61
CA LYS A 78 -6.64 -17.66 12.80
C LYS A 78 -6.71 -16.61 13.93
N ASN A 79 -6.81 -15.33 13.57
CA ASN A 79 -6.88 -14.23 14.55
C ASN A 79 -8.02 -13.28 14.21
N LYS A 80 -9.24 -13.82 14.33
CA LYS A 80 -10.46 -13.13 13.92
C LYS A 80 -10.73 -11.86 14.72
N ILE A 81 -10.59 -11.94 16.04
CA ILE A 81 -10.89 -10.81 16.93
C ILE A 81 -9.95 -9.63 16.68
N TYR A 82 -8.66 -9.92 16.55
CA TYR A 82 -7.67 -8.87 16.25
C TYR A 82 -7.97 -8.19 14.92
N CYS A 83 -8.29 -8.99 13.91
CA CYS A 83 -8.56 -8.47 12.56
C CYS A 83 -9.86 -7.67 12.47
N GLN A 84 -10.88 -8.06 13.24
CA GLN A 84 -12.11 -7.27 13.35
C GLN A 84 -11.87 -5.93 14.03
N ASN A 85 -11.10 -5.93 15.12
CA ASN A 85 -10.73 -4.70 15.82
C ASN A 85 -9.93 -3.76 14.91
N LEU A 86 -9.02 -4.35 14.14
CA LEU A 86 -8.26 -3.62 13.15
C LEU A 86 -9.14 -3.00 12.07
N CYS A 87 -10.16 -3.73 11.61
CA CYS A 87 -11.09 -3.21 10.61
C CYS A 87 -12.00 -2.11 11.16
N LEU A 88 -12.42 -2.26 12.42
CA LEU A 88 -13.20 -1.22 13.08
C LEU A 88 -12.36 0.02 13.30
N LEU A 89 -11.10 -0.17 13.65
CA LEU A 89 -10.17 0.95 13.79
C LEU A 89 -9.91 1.64 12.45
N ALA A 90 -9.71 0.85 11.40
CA ALA A 90 -9.44 1.37 10.06
C ALA A 90 -10.59 2.22 9.52
N LYS A 91 -11.82 1.76 9.79
CA LYS A 91 -13.04 2.42 9.33
C LYS A 91 -13.26 3.84 9.90
N LEU A 92 -12.61 4.16 11.02
CA LEU A 92 -12.62 5.52 11.56
C LEU A 92 -11.87 6.54 10.69
N PHE A 93 -10.96 6.04 9.85
CA PHE A 93 -10.16 6.89 8.95
C PHE A 93 -10.36 6.60 7.47
N LEU A 94 -11.03 5.48 7.15
CA LEU A 94 -11.36 5.12 5.79
C LEU A 94 -12.85 5.29 5.59
N ASP A 95 -13.24 6.08 4.60
CA ASP A 95 -14.66 6.28 4.31
C ASP A 95 -15.28 5.09 3.60
N HIS A 96 -14.55 4.51 2.66
CA HIS A 96 -15.09 3.51 1.75
C HIS A 96 -14.93 2.05 2.17
N THR A 98 -15.97 -1.33 3.69
CA THR A 98 -17.28 -1.94 3.92
C THR A 98 -17.19 -3.34 4.52
N LEU A 99 -16.02 -3.71 5.03
CA LEU A 99 -15.79 -5.03 5.54
C LEU A 99 -15.14 -4.91 6.90
N TYR A 100 -15.83 -5.45 7.90
CA TYR A 100 -15.36 -5.45 9.29
C TYR A 100 -15.65 -6.76 10.01
N TYR A 101 -16.65 -7.51 9.56
CA TYR A 101 -17.07 -8.74 10.21
C TYR A 101 -16.40 -9.99 9.67
N ASP A 102 -16.66 -10.34 8.41
CA ASP A 102 -16.17 -11.59 7.84
C ASP A 102 -14.76 -11.39 7.33
N VAL A 103 -13.82 -11.43 8.25
CA VAL A 103 -12.41 -11.23 7.94
C VAL A 103 -11.69 -12.53 7.57
N GLU A 104 -12.36 -13.66 7.75
CA GLU A 104 -11.79 -14.98 7.45
C GLU A 104 -11.17 -15.14 6.05
N PRO A 105 -11.83 -14.60 5.00
CA PRO A 105 -11.20 -14.64 3.66
C PRO A 105 -10.02 -13.67 3.39
N PHE A 106 -9.58 -12.91 4.40
CA PHE A 106 -8.51 -11.92 4.22
C PHE A 106 -7.25 -12.24 5.01
N LEU A 107 -6.12 -11.77 4.47
CA LEU A 107 -4.85 -11.69 5.18
C LEU A 107 -4.60 -10.20 5.42
N PHE A 108 -4.02 -9.90 6.57
CA PHE A 108 -3.71 -8.53 6.96
C PHE A 108 -2.22 -8.39 7.15
N TYR A 109 -1.63 -7.41 6.46
CA TYR A 109 -0.19 -7.14 6.55
C TYR A 109 0.02 -5.87 7.34
N VAL A 110 0.48 -6.04 8.58
CA VAL A 110 0.52 -4.99 9.58
C VAL A 110 1.96 -4.54 9.79
N MET A 111 2.24 -3.29 9.46
CA MET A 111 3.57 -2.70 9.57
C MET A 111 3.71 -2.02 10.93
N THR A 112 4.84 -2.26 11.59
CA THR A 112 5.11 -1.71 12.92
C THR A 112 6.49 -1.08 13.03
N GLU A 113 6.59 -0.10 13.94
CA GLU A 113 7.87 0.47 14.37
C GLU A 113 8.12 0.08 15.82
N ALA A 114 9.29 -0.50 16.08
CA ALA A 114 9.66 -0.93 17.43
C ALA A 114 10.35 0.17 18.22
N ASP A 115 9.98 0.29 19.49
CA ASP A 115 10.79 0.99 20.50
C ASP A 115 10.87 0.10 21.75
N ASN A 116 11.40 0.62 22.85
CA ASN A 116 11.63 -0.24 24.04
C ASN A 116 10.35 -0.78 24.75
N THR A 117 9.17 -0.27 24.40
CA THR A 117 7.90 -0.78 24.95
C THR A 117 7.21 -1.86 24.09
N GLY A 118 7.58 -1.95 22.81
CA GLY A 118 7.03 -2.97 21.91
C GLY A 118 7.00 -2.50 20.47
N CYS A 119 6.26 -3.24 19.64
CA CYS A 119 6.12 -2.96 18.21
C CYS A 119 4.80 -2.22 17.93
N HIS A 120 4.92 -0.94 17.59
CA HIS A 120 3.78 -0.03 17.46
C HIS A 120 3.24 0.05 16.04
N LEU A 121 1.91 0.08 15.92
CA LEU A 121 1.22 0.10 14.63
C LEU A 121 1.53 1.37 13.81
N ILE A 122 2.10 1.17 12.62
CA ILE A 122 2.26 2.25 11.63
C ILE A 122 1.07 2.30 10.68
N GLY A 123 0.75 1.14 10.12
CA GLY A 123 -0.34 1.01 9.16
C GLY A 123 -0.48 -0.42 8.71
N TYR A 124 -1.36 -0.65 7.75
CA TYR A 124 -1.60 -1.99 7.24
C TYR A 124 -2.18 -1.96 5.84
N PHE A 125 -2.16 -3.12 5.20
CA PHE A 125 -3.08 -3.40 4.10
C PHE A 125 -3.65 -4.80 4.24
N SER A 126 -4.92 -4.93 3.86
CA SER A 126 -5.60 -6.22 3.80
C SER A 126 -5.51 -6.77 2.37
N LYS A 127 -5.67 -8.08 2.25
CA LYS A 127 -5.53 -8.76 0.97
C LYS A 127 -6.40 -10.02 0.98
N GLU A 128 -7.21 -10.19 -0.07
CA GLU A 128 -7.98 -11.42 -0.24
C GLU A 128 -7.03 -12.61 -0.42
N LYS A 129 -7.35 -13.72 0.25
CA LYS A 129 -6.57 -14.96 0.12
C LYS A 129 -6.64 -15.50 -1.31
N ASN A 130 -7.84 -15.41 -1.89
CA ASN A 130 -8.05 -15.72 -3.31
C ASN A 130 -8.95 -14.66 -3.95
N SER A 131 -8.33 -13.74 -4.68
CA SER A 131 -9.04 -12.70 -5.42
C SER A 131 -9.24 -13.16 -6.87
N PHE A 132 -10.50 -13.12 -7.32
CA PHE A 132 -10.82 -13.43 -8.72
C PHE A 132 -10.18 -12.43 -9.69
N LEU A 133 -10.21 -11.15 -9.31
CA LEU A 133 -9.67 -10.06 -10.15
C LEU A 133 -8.17 -9.75 -9.93
N ASN A 134 -7.46 -10.65 -9.22
CA ASN A 134 -6.02 -10.53 -8.98
C ASN A 134 -5.64 -9.24 -8.22
N TYR A 135 -6.49 -8.84 -7.28
CA TYR A 135 -6.21 -7.69 -6.43
C TYR A 135 -5.22 -8.08 -5.33
N ASN A 136 -4.11 -7.35 -5.26
CA ASN A 136 -3.04 -7.62 -4.28
C ASN A 136 -3.14 -6.73 -3.02
N VAL A 137 -4.07 -5.79 -3.05
CA VAL A 137 -4.44 -4.96 -1.89
C VAL A 137 -5.96 -4.78 -1.94
N SER A 138 -6.61 -4.93 -0.79
CA SER A 138 -8.04 -4.68 -0.65
C SER A 138 -8.24 -3.28 -0.07
N CYS A 139 -7.73 -3.04 1.14
CA CYS A 139 -7.67 -1.69 1.73
C CYS A 139 -6.26 -1.45 2.26
N ILE A 140 -5.89 -0.17 2.39
CA ILE A 140 -4.57 0.25 2.83
C ILE A 140 -4.71 1.53 3.66
N LEU A 141 -4.01 1.57 4.80
CA LEU A 141 -4.08 2.70 5.74
C LEU A 141 -2.74 2.92 6.41
N THR A 142 -2.30 4.18 6.44
CA THR A 142 -1.25 4.62 7.34
C THR A 142 -1.98 5.35 8.46
N MET A 143 -1.69 4.99 9.71
CA MET A 143 -2.33 5.65 10.85
C MET A 143 -2.01 7.15 10.82
N PRO A 144 -2.99 8.03 11.21
CA PRO A 144 -2.83 9.49 11.08
C PRO A 144 -1.53 10.09 11.60
N GLN A 145 -1.05 9.57 12.73
CA GLN A 145 0.20 10.04 13.35
C GLN A 145 1.47 9.74 12.54
N TYR A 146 1.39 8.81 11.59
CA TYR A 146 2.50 8.45 10.70
C TYR A 146 2.36 8.96 9.27
N MET A 147 1.23 9.58 8.93
CA MET A 147 0.94 9.99 7.55
C MET A 147 1.93 11.01 6.99
N ARG A 148 2.14 10.93 5.68
CA ARG A 148 3.00 11.85 4.92
C ARG A 148 4.48 11.80 5.35
N GLN A 149 4.93 10.61 5.73
CA GLN A 149 6.34 10.35 6.08
C GLN A 149 7.01 9.28 5.21
N GLY A 150 6.30 8.75 4.22
CA GLY A 150 6.82 7.71 3.32
C GLY A 150 6.40 6.28 3.62
N TYR A 151 5.65 6.05 4.70
CA TYR A 151 5.25 4.69 5.09
C TYR A 151 4.20 4.08 4.17
N GLY A 152 3.28 4.91 3.67
CA GLY A 152 2.26 4.47 2.72
C GLY A 152 2.90 3.85 1.48
N LYS A 153 3.91 4.52 0.94
CA LYS A 153 4.63 4.00 -0.22
C LYS A 153 5.43 2.72 0.07
N MET A 154 5.96 2.61 1.30
CA MET A 154 6.57 1.36 1.77
C MET A 154 5.57 0.20 1.80
N LEU A 155 4.35 0.47 2.30
CA LEU A 155 3.27 -0.52 2.28
C LEU A 155 2.89 -0.94 0.85
N ILE A 156 2.74 0.03 -0.03
CA ILE A 156 2.43 -0.24 -1.45
C ILE A 156 3.55 -1.08 -2.09
N ASP A 157 4.79 -0.66 -1.89
CA ASP A 157 5.95 -1.39 -2.41
C ASP A 157 5.97 -2.83 -1.88
N PHE A 158 5.68 -2.98 -0.59
CA PHE A 158 5.60 -4.30 0.03
C PHE A 158 4.53 -5.20 -0.60
N SER A 159 3.35 -4.63 -0.91
CA SER A 159 2.29 -5.40 -1.57
C SER A 159 2.73 -5.97 -2.94
N TYR A 160 3.52 -5.20 -3.69
CA TYR A 160 4.07 -5.68 -4.97
C TYR A 160 5.24 -6.65 -4.79
N LEU A 161 5.99 -6.53 -3.69
CA LEU A 161 7.01 -7.50 -3.35
C LEU A 161 6.41 -8.89 -3.10
N LEU A 162 5.29 -8.94 -2.39
CA LEU A 162 4.55 -10.19 -2.20
C LEU A 162 4.13 -10.78 -3.55
N SER A 163 3.59 -9.92 -4.42
CA SER A 163 3.18 -10.32 -5.78
C SER A 163 4.34 -10.87 -6.61
N LYS A 164 5.50 -10.21 -6.52
CA LYS A 164 6.73 -10.68 -7.18
C LYS A 164 7.13 -12.09 -6.73
N VAL A 165 7.11 -12.34 -5.42
CA VAL A 165 7.49 -13.65 -4.87
C VAL A 165 6.46 -14.73 -5.22
N GLU A 166 5.18 -14.36 -5.27
CA GLU A 166 4.11 -15.25 -5.73
C GLU A 166 4.11 -15.54 -7.24
N GLU A 167 4.94 -14.81 -7.99
CA GLU A 167 4.98 -14.86 -9.46
C GLU A 167 3.61 -14.48 -10.05
N LYS A 168 3.09 -13.36 -9.54
CA LYS A 168 1.79 -12.83 -9.97
C LYS A 168 1.94 -11.36 -10.32
N VAL A 169 0.98 -10.87 -11.10
CA VAL A 169 0.81 -9.45 -11.38
C VAL A 169 -0.35 -8.97 -10.52
N GLY A 170 -0.15 -7.84 -9.82
CA GLY A 170 -1.11 -7.31 -8.87
C GLY A 170 -1.64 -5.93 -9.21
N SER A 171 -2.75 -5.59 -8.59
CA SER A 171 -3.34 -4.24 -8.67
C SER A 171 -4.18 -3.98 -7.42
N PRO A 172 -4.29 -2.71 -6.98
CA PRO A 172 -5.20 -2.44 -5.86
C PRO A 172 -6.67 -2.62 -6.26
N GLU A 173 -7.50 -2.99 -5.28
CA GLU A 173 -8.95 -3.17 -5.51
C GLU A 173 -9.61 -1.87 -6.00
N ARG A 174 -10.61 -2.00 -6.86
CA ARG A 174 -11.38 -0.85 -7.34
C ARG A 174 -12.65 -0.69 -6.48
N PRO A 175 -13.09 0.54 -6.18
CA PRO A 175 -12.47 1.78 -6.64
C PRO A 175 -11.35 2.28 -5.71
N LEU A 176 -10.43 3.05 -6.27
CA LEU A 176 -9.36 3.71 -5.48
C LEU A 176 -9.85 5.06 -4.99
N SER A 177 -9.54 5.38 -3.73
CA SER A 177 -9.86 6.69 -3.14
C SER A 177 -8.98 7.79 -3.70
N ASP A 178 -9.30 9.04 -3.33
CA ASP A 178 -8.51 10.21 -3.74
C ASP A 178 -7.05 10.11 -3.29
N LEU A 179 -6.84 9.88 -2.00
CA LEU A 179 -5.50 9.74 -1.42
C LEU A 179 -4.78 8.46 -1.90
N GLY A 180 -5.54 7.38 -2.04
CA GLY A 180 -5.01 6.13 -2.59
C GLY A 180 -4.46 6.32 -3.98
N LEU A 181 -5.24 6.96 -4.84
CA LEU A 181 -4.86 7.22 -6.23
C LEU A 181 -3.60 8.09 -6.33
N ILE A 182 -3.54 9.16 -5.53
CA ILE A 182 -2.32 10.00 -5.45
C ILE A 182 -1.09 9.18 -5.06
N SER A 183 -1.25 8.29 -4.08
CA SER A 183 -0.15 7.47 -3.59
C SER A 183 0.33 6.45 -4.61
N TYR A 184 -0.63 5.73 -5.22
CA TYR A 184 -0.31 4.73 -6.24
C TYR A 184 0.34 5.35 -7.49
N ARG A 185 -0.11 6.53 -7.87
CA ARG A 185 0.47 7.24 -9.03
C ARG A 185 1.91 7.70 -8.78
N SER A 186 2.20 8.13 -7.55
CA SER A 186 3.57 8.44 -7.14
C SER A 186 4.45 7.18 -7.16
N TYR A 187 3.91 6.07 -6.65
CA TYR A 187 4.64 4.80 -6.64
C TYR A 187 4.90 4.28 -8.06
N TRP A 188 3.86 4.23 -8.88
CA TRP A 188 3.99 3.77 -10.26
C TRP A 188 4.97 4.63 -11.08
N LYS A 189 4.93 5.95 -10.86
CA LYS A 189 5.90 6.87 -11.45
C LYS A 189 7.34 6.48 -11.08
N GLU A 190 7.58 6.28 -9.78
CA GLU A 190 8.90 5.90 -9.27
C GLU A 190 9.42 4.59 -9.88
N VAL A 191 8.57 3.56 -9.88
CA VAL A 191 8.94 2.23 -10.38
C VAL A 191 9.22 2.25 -11.88
N LEU A 192 8.38 2.96 -12.63
CA LEU A 192 8.54 3.05 -14.07
C LEU A 192 9.82 3.80 -14.46
N LEU A 193 10.05 4.94 -13.82
CA LEU A 193 11.27 5.72 -14.08
C LEU A 193 12.54 4.98 -13.64
N ARG A 194 12.45 4.21 -12.57
CA ARG A 194 13.55 3.31 -12.15
C ARG A 194 13.87 2.27 -13.22
N TYR A 195 12.84 1.57 -13.69
CA TYR A 195 13.00 0.54 -14.73
C TYR A 195 13.68 1.11 -15.99
N LEU A 196 13.14 2.22 -16.48
CA LEU A 196 13.68 2.87 -17.69
C LEU A 196 15.08 3.46 -17.50
N HIS A 197 15.36 3.95 -16.30
CA HIS A 197 16.71 4.41 -15.94
C HIS A 197 17.74 3.29 -16.03
N ASN A 198 17.36 2.10 -15.56
CA ASN A 198 18.25 0.92 -15.55
C ASN A 198 18.22 0.09 -16.83
N PHE A 199 17.16 0.22 -17.64
CA PHE A 199 17.05 -0.53 -18.89
C PHE A 199 17.94 0.07 -19.97
N GLN A 200 18.76 -0.77 -20.59
CA GLN A 200 19.70 -0.37 -21.65
C GLN A 200 19.22 -0.66 -23.08
N GLY A 201 18.23 -1.55 -23.23
CA GLY A 201 17.77 -1.97 -24.56
C GLY A 201 17.09 -0.89 -25.38
N LYS A 202 16.88 -1.21 -26.66
CA LYS A 202 16.32 -0.27 -27.64
C LYS A 202 14.79 -0.26 -27.66
N GLU A 203 14.19 -1.35 -27.19
CA GLU A 203 12.73 -1.45 -27.10
C GLU A 203 12.31 -2.30 -25.91
N ILE A 204 11.03 -2.18 -25.56
CA ILE A 204 10.48 -2.86 -24.39
C ILE A 204 8.97 -3.00 -24.57
N SER A 205 8.42 -4.13 -24.13
CA SER A 205 6.97 -4.35 -24.13
C SER A 205 6.43 -4.01 -22.74
N ILE A 206 5.15 -3.64 -22.69
CA ILE A 206 4.47 -3.37 -21.42
C ILE A 206 4.48 -4.62 -20.54
N LYS A 207 4.29 -5.79 -21.17
CA LYS A 207 4.29 -7.09 -20.49
C LYS A 207 5.61 -7.38 -19.75
N GLU A 208 6.73 -7.02 -20.37
CA GLU A 208 8.06 -7.17 -19.74
C GLU A 208 8.22 -6.29 -18.50
N ILE A 209 7.74 -5.04 -18.59
CA ILE A 209 7.75 -4.12 -17.44
C ILE A 209 6.84 -4.66 -16.33
N SER A 210 5.65 -5.13 -16.72
CA SER A 210 4.70 -5.73 -15.78
C SER A 210 5.27 -6.97 -15.06
N GLN A 211 5.93 -7.84 -15.81
CA GLN A 211 6.56 -9.06 -15.27
C GLN A 211 7.64 -8.77 -14.22
N GLU A 212 8.49 -7.77 -14.49
CA GLU A 212 9.56 -7.38 -13.56
C GLU A 212 9.03 -6.67 -12.31
N THR A 213 8.07 -5.78 -12.50
CA THR A 213 7.56 -4.91 -11.42
C THR A 213 6.36 -5.47 -10.63
N ALA A 214 5.71 -6.49 -11.19
CA ALA A 214 4.40 -7.01 -10.72
C ALA A 214 3.22 -6.03 -10.87
N VAL A 215 3.44 -4.89 -11.53
CA VAL A 215 2.42 -3.86 -11.74
C VAL A 215 1.59 -4.25 -12.97
N ASN A 216 0.29 -4.02 -12.90
CA ASN A 216 -0.64 -4.37 -13.97
C ASN A 216 -0.34 -3.55 -15.24
N PRO A 217 -0.41 -4.18 -16.43
CA PRO A 217 -0.17 -3.46 -17.69
C PRO A 217 -1.00 -2.18 -17.88
N VAL A 218 -2.28 -2.23 -17.50
CA VAL A 218 -3.16 -1.05 -17.59
C VAL A 218 -2.63 0.11 -16.73
N ASP A 219 -2.15 -0.20 -15.53
CA ASP A 219 -1.58 0.81 -14.64
C ASP A 219 -0.26 1.39 -15.17
N ILE A 220 0.54 0.54 -15.82
CA ILE A 220 1.76 0.99 -16.49
C ILE A 220 1.44 1.96 -17.63
N VAL A 221 0.49 1.58 -18.51
CA VAL A 221 0.07 2.44 -19.63
C VAL A 221 -0.51 3.75 -19.12
N SER A 222 -1.36 3.66 -18.09
CA SER A 222 -1.94 4.84 -17.45
C SER A 222 -0.87 5.80 -16.93
N THR A 223 0.17 5.24 -16.30
CA THR A 223 1.30 6.02 -15.79
C THR A 223 2.13 6.62 -16.92
N LEU A 224 2.41 5.82 -17.95
CA LEU A 224 3.08 6.32 -19.16
C LEU A 224 2.33 7.53 -19.73
N GLN A 225 1.00 7.43 -19.80
CA GLN A 225 0.13 8.53 -20.24
C GLN A 225 0.20 9.74 -19.30
N ALA A 226 0.11 9.50 -17.99
CA ALA A 226 0.21 10.58 -16.99
C ALA A 226 1.52 11.38 -17.08
N LEU A 227 2.62 10.68 -17.35
CA LEU A 227 3.94 11.33 -17.53
C LEU A 227 4.20 11.84 -18.96
N GLN A 228 3.22 11.71 -19.85
CA GLN A 228 3.33 12.11 -21.27
C GLN A 228 4.55 11.51 -21.96
N MET A 229 4.78 10.22 -21.70
CA MET A 229 5.90 9.47 -22.25
C MET A 229 5.47 8.55 -23.41
N LEU A 230 4.18 8.47 -23.71
CA LEU A 230 3.68 7.77 -24.89
C LEU A 230 3.42 8.76 -26.01
N LYS A 231 4.16 8.63 -27.11
CA LYS A 231 4.06 9.53 -28.25
C LYS A 231 3.85 8.76 -29.55
N TYR A 232 3.53 9.51 -30.59
CA TYR A 232 3.31 8.97 -31.93
C TYR A 232 4.23 9.70 -32.89
N TRP A 233 4.84 8.94 -33.80
CA TRP A 233 5.71 9.51 -34.81
C TRP A 233 5.71 8.59 -36.02
N LYS A 234 4.82 8.88 -36.95
CA LYS A 234 4.66 8.14 -38.19
C LYS A 234 4.33 6.65 -38.00
N GLY A 235 3.12 6.38 -37.54
CA GLY A 235 2.58 5.03 -37.49
C GLY A 235 2.77 4.18 -36.26
N LYS A 236 3.80 4.44 -35.46
CA LYS A 236 4.11 3.57 -34.31
C LYS A 236 4.03 4.25 -32.94
N HIS A 237 3.87 3.41 -31.92
CA HIS A 237 3.83 3.82 -30.53
C HIS A 237 5.22 3.74 -29.95
N LEU A 238 5.57 4.78 -29.20
CA LEU A 238 6.93 5.06 -28.83
C LEU A 238 6.99 5.52 -27.37
N VAL A 239 7.97 5.00 -26.63
CA VAL A 239 8.21 5.40 -25.25
C VAL A 239 9.24 6.53 -25.24
N LEU A 240 8.79 7.73 -24.89
CA LEU A 240 9.66 8.90 -24.78
C LEU A 240 10.37 8.91 -23.43
N LYS A 241 11.69 8.74 -23.46
CA LYS A 241 12.52 8.79 -22.26
C LYS A 241 12.76 10.27 -21.95
N ARG A 242 11.86 10.85 -21.15
CA ARG A 242 11.89 12.29 -20.86
C ARG A 242 13.09 12.68 -19.98
N GLN A 243 13.73 13.78 -20.35
CA GLN A 243 14.96 14.26 -19.71
C GLN A 243 14.69 14.73 -18.27
N ASP A 244 13.80 15.71 -18.15
CA ASP A 244 13.46 16.33 -16.85
C ASP A 244 12.94 15.36 -15.78
N LEU A 245 12.16 14.36 -16.19
CA LEU A 245 11.54 13.41 -15.24
C LEU A 245 12.54 12.49 -14.54
N ILE A 246 13.55 12.03 -15.28
CA ILE A 246 14.55 11.10 -14.74
C ILE A 246 15.59 11.85 -13.88
N ASP A 247 15.85 13.11 -14.23
CA ASP A 247 16.74 13.98 -13.43
C ASP A 247 16.16 14.27 -12.04
N GLU A 248 14.90 14.71 -12.01
CA GLU A 248 14.19 14.95 -10.74
C GLU A 248 13.99 13.67 -9.92
N TRP A 249 13.83 12.54 -10.61
CA TRP A 249 13.68 11.24 -9.95
C TRP A 249 14.95 10.83 -9.16
N ILE A 250 16.12 11.08 -9.74
CA ILE A 250 17.40 10.81 -9.06
C ILE A 250 17.56 11.70 -7.82
N ALA A 251 17.17 12.96 -7.94
CA ALA A 251 17.15 13.90 -6.81
C ALA A 251 16.16 13.47 -5.72
N LYS A 252 15.02 12.92 -6.14
CA LYS A 252 13.99 12.40 -5.22
C LYS A 252 14.46 11.13 -4.50
N GLU A 253 14.93 10.15 -5.26
CA GLU A 253 15.36 8.86 -4.69
C GLU A 253 16.65 8.94 -3.87
N ALA A 254 17.39 10.04 -3.99
CA ALA A 254 18.48 10.38 -3.06
C ALA A 254 17.92 10.68 -1.67
N LYS A 255 16.87 11.49 -1.62
CA LYS A 255 16.13 11.79 -0.39
C LYS A 255 15.47 10.55 0.24
N ARG A 256 14.98 9.64 -0.60
CA ARG A 256 14.38 8.38 -0.14
C ARG A 256 15.38 7.47 0.57
N SER A 257 16.59 7.39 0.03
CA SER A 257 17.69 6.64 0.65
C SER A 257 18.19 7.28 1.96
N ASN A 258 18.27 8.61 1.97
CA ASN A 258 18.73 9.38 3.14
C ASN A 258 17.84 9.21 4.38
N SER A 259 16.53 9.16 4.18
CA SER A 259 15.56 9.02 5.27
C SER A 259 15.20 7.57 5.64
N ASN A 260 15.81 6.59 4.97
CA ASN A 260 15.65 5.15 5.25
C ASN A 260 14.22 4.60 5.03
N LYS A 261 13.38 5.31 4.28
CA LYS A 261 11.97 4.94 4.07
C LYS A 261 11.81 4.03 2.85
N THR A 262 12.49 2.88 2.89
CA THR A 262 12.47 1.91 1.80
C THR A 262 12.31 0.51 2.37
N MET A 263 11.66 -0.36 1.61
CA MET A 263 11.57 -1.79 1.93
C MET A 263 12.69 -2.51 1.19
N ASP A 264 13.48 -3.27 1.95
CA ASP A 264 14.63 -4.01 1.45
C ASP A 264 14.19 -5.46 1.15
N PRO A 265 14.18 -5.88 -0.14
CA PRO A 265 13.75 -7.25 -0.48
C PRO A 265 14.46 -8.40 0.25
N SER A 266 15.74 -8.20 0.60
CA SER A 266 16.52 -9.21 1.35
C SER A 266 16.06 -9.42 2.79
N CYS A 267 15.28 -8.48 3.32
CA CYS A 267 14.72 -8.57 4.67
C CYS A 267 13.34 -9.27 4.73
N LEU A 268 12.81 -9.70 3.59
CA LEU A 268 11.60 -10.52 3.55
C LEU A 268 11.96 -11.99 3.78
N LYS A 269 11.21 -12.62 4.68
CA LYS A 269 11.37 -14.04 5.02
C LYS A 269 9.97 -14.67 4.93
N TRP A 270 9.62 -15.12 3.73
CA TRP A 270 8.22 -15.44 3.40
C TRP A 270 8.10 -16.50 2.32
N THR A 271 7.20 -17.47 2.55
CA THR A 271 6.63 -18.31 1.50
C THR A 271 5.11 -18.14 1.57
N PRO A 272 4.43 -18.04 0.39
CA PRO A 272 2.97 -17.81 0.37
C PRO A 272 2.16 -18.79 1.23
N PRO A 273 1.17 -18.28 2.00
CA PRO A 273 0.40 -19.15 2.88
C PRO A 273 -0.54 -20.10 2.12
N LYS A 274 -0.62 -21.35 2.60
CA LYS A 274 -1.44 -22.41 1.97
C LYS A 274 -1.05 -22.68 0.52
N GLY B 8 -5.28 -8.04 -25.97
CA GLY B 8 -4.38 -7.28 -25.05
C GLY B 8 -4.04 -5.89 -25.56
N MET B 9 -5.05 -5.03 -25.57
CA MET B 9 -4.95 -3.66 -26.08
C MET B 9 -5.45 -2.65 -25.03
N VAL B 10 -5.05 -1.39 -25.21
CA VAL B 10 -5.49 -0.27 -24.34
C VAL B 10 -5.75 0.94 -25.24
N GLU B 11 -6.65 1.84 -24.82
CA GLU B 11 -6.87 3.11 -25.54
C GLU B 11 -7.02 4.33 -24.62
N ILE B 12 -6.48 5.46 -25.07
CA ILE B 12 -6.91 6.84 -24.67
C ILE B 12 -6.02 7.86 -25.42
N GLU B 13 -6.56 9.06 -25.67
CA GLU B 13 -5.93 10.02 -26.59
C GLU B 13 -4.57 10.55 -26.18
N ILE B 14 -3.75 10.84 -27.20
CA ILE B 14 -2.47 11.53 -27.06
C ILE B 14 -2.46 12.72 -28.02
N GLU B 15 -2.51 13.93 -27.47
CA GLU B 15 -2.53 15.19 -28.24
C GLU B 15 -3.73 15.26 -29.21
N GLY B 16 -4.92 14.98 -28.68
CA GLY B 16 -6.17 15.05 -29.44
C GLY B 16 -6.38 13.96 -30.48
N ARG B 17 -5.71 12.83 -30.32
CA ARG B 17 -5.81 11.69 -31.24
C ARG B 17 -5.99 10.41 -30.45
N LEU B 18 -7.11 9.71 -30.66
CA LEU B 18 -7.41 8.47 -29.92
C LEU B 18 -6.57 7.33 -30.50
N HIS B 19 -5.80 6.67 -29.64
CA HIS B 19 -4.83 5.65 -30.04
C HIS B 19 -5.11 4.29 -29.37
N ARG B 20 -4.52 3.22 -29.92
CA ARG B 20 -4.74 1.84 -29.46
C ARG B 20 -3.42 1.05 -29.35
N ILE B 21 -2.99 0.77 -28.12
CA ILE B 21 -1.62 0.26 -27.84
C ILE B 21 -1.61 -1.22 -27.41
N SER B 22 -0.76 -2.02 -28.03
CA SER B 22 -0.54 -3.42 -27.63
C SER B 22 0.43 -3.49 -26.45
N ILE B 23 0.17 -4.43 -25.55
CA ILE B 23 1.03 -4.66 -24.37
C ILE B 23 2.12 -5.72 -24.61
N PHE B 24 1.99 -6.47 -25.70
CA PHE B 24 2.94 -7.53 -26.05
C PHE B 24 4.03 -7.11 -27.05
N ASP B 25 3.70 -6.17 -27.95
CA ASP B 25 4.64 -5.70 -28.96
C ASP B 25 5.77 -4.87 -28.33
N PRO B 26 7.01 -5.02 -28.82
CA PRO B 26 8.08 -4.13 -28.34
C PRO B 26 7.89 -2.69 -28.81
N LEU B 27 7.91 -1.76 -27.86
CA LEU B 27 7.79 -0.33 -28.12
C LEU B 27 9.17 0.30 -28.11
N GLU B 28 9.43 1.13 -29.10
CA GLU B 28 10.73 1.77 -29.25
C GLU B 28 10.92 2.86 -28.19
N ILE B 29 12.11 2.89 -27.61
CA ILE B 29 12.47 3.89 -26.61
C ILE B 29 13.33 4.98 -27.24
N ILE B 30 12.95 6.23 -26.99
CA ILE B 30 13.57 7.41 -27.60
C ILE B 30 13.97 8.44 -26.57
N LEU B 31 14.98 9.23 -26.91
CA LEU B 31 15.33 10.41 -26.12
C LEU B 31 14.64 11.62 -26.75
N GLU B 32 15.17 12.81 -26.51
CA GLU B 32 14.62 14.05 -27.12
C GLU B 32 14.39 14.07 -28.66
N ASP B 33 15.46 13.95 -29.45
CA ASP B 33 15.46 13.88 -30.94
C ASP B 33 14.69 14.92 -31.80
N ASP B 34 13.79 14.51 -32.69
CA ASP B 34 13.06 15.47 -33.55
C ASP B 34 11.68 14.95 -33.94
#